data_7UPZ
#
_entry.id   7UPZ
#
_cell.length_a   101.699
_cell.length_b   112.758
_cell.length_c   75.528
_cell.angle_alpha   90.000
_cell.angle_beta   90.000
_cell.angle_gamma   90.000
#
_symmetry.space_group_name_H-M   'C 2 2 21'
#
loop_
_entity.id
_entity.type
_entity.pdbx_description
1 polymer 'CCAAT/enhancer-binding protein beta'
2 polymer "DNA (5'-D(*AP*TP*TP*CP*TP*TP*AP*AP*GP*AP*AP*AP*GP*AP*CP*G)-3')"
3 polymer "DNA (5'-D(*TP*CP*GP*TP*CP*TP*TP*TP*CP*TP*TP*AP*AP*GP*AP*A)-3')"
4 water water
#
loop_
_entity_poly.entity_id
_entity_poly.type
_entity_poly.pdbx_seq_one_letter_code
_entity_poly.pdbx_strand_id
1 'polypeptide(L)' SQVKSKAKKTVDKHSDEYKIRRERNNIAVRKSRDKAKMRNLETQHKVLELTAENERLQKKVEQLSRELSTLRNLFKQLPE A,B
2 'polydeoxyribonucleotide' (DA)(DT)(DT)(DC)(DT)(DT)(DA)(DA)(DG)(DA)(DA)(DA)(DG)(DA)(DC)(DG) C
3 'polydeoxyribonucleotide' (DT)(DC)(DG)(DT)(DC)(DT)(DT)(DT)(DC)(DT)(DT)(DA)(DA)(DG)(DA)(DA) D
#
loop_
_chem_comp.id
_chem_comp.type
_chem_comp.name
_chem_comp.formula
DA DNA linking 2'-DEOXYADENOSINE-5'-MONOPHOSPHATE 'C10 H14 N5 O6 P'
DC DNA linking 2'-DEOXYCYTIDINE-5'-MONOPHOSPHATE 'C9 H14 N3 O7 P'
DG DNA linking 2'-DEOXYGUANOSINE-5'-MONOPHOSPHATE 'C10 H14 N5 O7 P'
DT DNA linking THYMIDINE-5'-MONOPHOSPHATE 'C10 H15 N2 O8 P'
#
# COMPACT_ATOMS: atom_id res chain seq x y z
N LYS A 13 32.12 -11.36 28.05
CA LYS A 13 32.85 -11.71 29.26
C LYS A 13 31.99 -11.49 30.50
N HIS A 14 32.58 -11.73 31.68
CA HIS A 14 31.91 -11.44 32.94
C HIS A 14 32.16 -10.00 33.35
N SER A 15 32.23 -9.10 32.36
CA SER A 15 32.59 -7.71 32.61
C SER A 15 31.42 -6.98 33.25
N ASP A 16 31.47 -5.65 33.21
CA ASP A 16 30.32 -4.81 33.42
C ASP A 16 30.07 -3.85 32.28
N GLU A 17 31.13 -3.36 31.63
CA GLU A 17 30.98 -2.65 30.38
C GLU A 17 30.36 -3.53 29.30
N TYR A 18 30.51 -4.86 29.42
CA TYR A 18 29.87 -5.77 28.48
C TYR A 18 28.37 -5.89 28.77
N LYS A 19 27.99 -5.89 30.04
CA LYS A 19 26.59 -6.05 30.39
C LYS A 19 25.77 -4.82 29.98
N ILE A 20 26.31 -3.62 30.19
CA ILE A 20 25.60 -2.41 29.79
C ILE A 20 25.55 -2.30 28.27
N ARG A 21 26.61 -2.75 27.58
CA ARG A 21 26.59 -2.70 26.12
C ARG A 21 25.56 -3.66 25.55
N ARG A 22 25.43 -4.85 26.15
CA ARG A 22 24.42 -5.80 25.69
C ARG A 22 23.01 -5.25 25.90
N GLU A 23 22.77 -4.66 27.08
CA GLU A 23 21.47 -4.05 27.36
C GLU A 23 21.18 -2.91 26.40
N ARG A 24 22.17 -2.06 26.14
CA ARG A 24 21.94 -0.96 25.21
C ARG A 24 21.71 -1.46 23.80
N ASN A 25 22.41 -2.51 23.40
CA ASN A 25 22.19 -3.07 22.07
C ASN A 25 20.81 -3.71 21.96
N ASN A 26 20.40 -4.46 22.99
CA ASN A 26 19.05 -5.04 22.97
C ASN A 26 17.99 -3.94 22.83
N ILE A 27 18.16 -2.82 23.55
CA ILE A 27 17.27 -1.68 23.35
C ILE A 27 17.31 -1.21 21.90
N ALA A 28 18.51 -1.10 21.33
CA ALA A 28 18.63 -0.58 19.98
C ALA A 28 18.02 -1.53 18.95
N VAL A 29 18.22 -2.83 19.14
CA VAL A 29 17.68 -3.80 18.18
C VAL A 29 16.15 -3.82 18.24
N ARG A 30 15.57 -3.75 19.45
CA ARG A 30 14.12 -3.69 19.55
C ARG A 30 13.56 -2.44 18.86
N LYS A 31 14.17 -1.29 19.13
CA LYS A 31 13.72 -0.04 18.50
C LYS A 31 13.83 -0.12 16.99
N SER A 32 14.97 -0.59 16.48
CA SER A 32 15.15 -0.65 15.03
C SER A 32 14.18 -1.64 14.39
N ARG A 33 13.79 -2.70 15.10
CA ARG A 33 12.88 -3.68 14.51
C ARG A 33 11.45 -3.18 14.54
N ASP A 34 11.03 -2.53 15.63
CA ASP A 34 9.68 -1.97 15.67
C ASP A 34 9.52 -0.85 14.67
N LYS A 35 10.57 -0.06 14.44
CA LYS A 35 10.52 0.96 13.41
C LYS A 35 10.35 0.36 12.02
N ALA A 36 11.16 -0.66 11.72
CA ALA A 36 11.05 -1.31 10.41
C ALA A 36 9.73 -2.05 10.27
N LYS A 37 9.14 -2.50 11.38
CA LYS A 37 7.87 -3.21 11.30
C LYS A 37 6.72 -2.28 10.94
N MET A 38 6.76 -1.04 11.41
CA MET A 38 5.70 -0.10 11.10
C MET A 38 5.78 0.42 9.67
N ARG A 39 7.00 0.58 9.14
CA ARG A 39 7.16 1.00 7.75
C ARG A 39 6.56 -0.01 6.79
N ASN A 40 6.53 -1.29 7.17
CA ASN A 40 5.91 -2.29 6.33
C ASN A 40 4.39 -2.27 6.45
N LEU A 41 3.88 -1.99 7.65
CA LEU A 41 2.44 -1.82 7.79
C LEU A 41 1.98 -0.48 7.22
N GLU A 42 2.85 0.54 7.26
CA GLU A 42 2.53 1.81 6.61
C GLU A 42 2.36 1.62 5.11
N THR A 43 3.23 0.82 4.49
CA THR A 43 3.05 0.50 3.07
C THR A 43 1.79 -0.30 2.86
N GLN A 44 1.47 -1.23 3.76
CA GLN A 44 0.21 -1.95 3.68
C GLN A 44 -0.99 -1.02 3.87
N HIS A 45 -0.81 0.05 4.65
CA HIS A 45 -1.87 1.03 4.79
C HIS A 45 -2.16 1.73 3.46
N LYS A 46 -1.09 2.19 2.78
CA LYS A 46 -1.28 2.90 1.52
C LYS A 46 -1.99 2.04 0.48
N VAL A 47 -1.79 0.72 0.53
CA VAL A 47 -2.47 -0.17 -0.42
C VAL A 47 -3.97 -0.16 -0.16
N LEU A 48 -4.38 -0.17 1.10
CA LEU A 48 -5.81 -0.14 1.40
C LEU A 48 -6.40 1.24 1.18
N GLU A 49 -5.60 2.30 1.33
CA GLU A 49 -6.10 3.66 1.11
C GLU A 49 -6.18 3.99 -0.37
N LEU A 50 -5.18 3.60 -1.16
CA LEU A 50 -5.22 3.83 -2.60
C LEU A 50 -6.33 3.00 -3.26
N THR A 51 -6.53 1.77 -2.78
CA THR A 51 -7.66 0.99 -3.28
C THR A 51 -8.99 1.63 -2.92
N ALA A 52 -9.04 2.31 -1.77
CA ALA A 52 -10.25 3.04 -1.42
C ALA A 52 -10.49 4.20 -2.38
N GLU A 53 -9.46 5.00 -2.63
CA GLU A 53 -9.63 6.21 -3.44
C GLU A 53 -9.83 5.86 -4.91
N ASN A 54 -9.10 4.88 -5.43
CA ASN A 54 -9.24 4.51 -6.83
C ASN A 54 -10.65 3.99 -7.13
N GLU A 55 -11.31 3.41 -6.13
CA GLU A 55 -12.68 2.95 -6.34
C GLU A 55 -13.67 4.10 -6.19
N ARG A 56 -13.34 5.09 -5.36
CA ARG A 56 -14.15 6.31 -5.30
C ARG A 56 -14.04 7.11 -6.60
N LEU A 57 -12.82 7.27 -7.12
CA LEU A 57 -12.65 7.98 -8.39
C LEU A 57 -13.34 7.25 -9.53
N GLN A 58 -13.33 5.91 -9.49
CA GLN A 58 -13.97 5.14 -10.56
C GLN A 58 -15.48 5.31 -10.53
N LYS A 59 -16.07 5.42 -9.34
CA LYS A 59 -17.49 5.74 -9.25
C LYS A 59 -17.77 7.17 -9.73
N LYS A 60 -16.81 8.07 -9.54
CA LYS A 60 -16.99 9.45 -9.98
C LYS A 60 -16.94 9.54 -11.50
N VAL A 61 -16.06 8.74 -12.13
CA VAL A 61 -15.99 8.69 -13.58
C VAL A 61 -17.31 8.20 -14.16
N GLU A 62 -17.88 7.14 -13.57
CA GLU A 62 -19.16 6.63 -14.06
C GLU A 62 -20.27 7.64 -13.83
N GLN A 63 -20.24 8.34 -12.69
CA GLN A 63 -21.24 9.36 -12.41
C GLN A 63 -21.20 10.48 -13.44
N LEU A 64 -20.00 11.00 -13.73
CA LEU A 64 -19.87 12.11 -14.68
C LEU A 64 -20.24 11.66 -16.09
N SER A 65 -19.80 10.47 -16.49
CA SER A 65 -20.16 9.93 -17.81
C SER A 65 -21.67 9.78 -17.95
N ARG A 66 -22.34 9.31 -16.88
CA ARG A 66 -23.78 9.21 -16.91
C ARG A 66 -24.44 10.56 -17.13
N GLU A 67 -24.03 11.57 -16.35
CA GLU A 67 -24.66 12.87 -16.49
C GLU A 67 -24.31 13.53 -17.82
N LEU A 68 -23.17 13.18 -18.43
CA LEU A 68 -22.86 13.73 -19.74
C LEU A 68 -23.78 13.18 -20.82
N SER A 69 -24.11 11.89 -20.74
CA SER A 69 -25.00 11.30 -21.73
C SER A 69 -26.46 11.70 -21.48
N THR A 70 -26.85 11.87 -20.22
CA THR A 70 -28.17 12.44 -19.92
C THR A 70 -28.30 13.85 -20.46
N LEU A 71 -27.28 14.67 -20.28
CA LEU A 71 -27.33 16.04 -20.79
C LEU A 71 -27.31 16.06 -22.31
N ARG A 72 -26.63 15.10 -22.94
CA ARG A 72 -26.50 15.11 -24.40
C ARG A 72 -27.74 14.62 -25.12
N ASN A 73 -28.60 13.87 -24.45
CA ASN A 73 -29.87 13.44 -25.04
C ASN A 73 -30.92 14.54 -25.04
N LEU A 74 -30.67 15.65 -24.35
CA LEU A 74 -31.50 16.83 -24.50
C LEU A 74 -31.46 17.36 -25.93
N PHE A 75 -30.40 17.05 -26.68
CA PHE A 75 -30.33 17.35 -28.11
C PHE A 75 -31.29 16.50 -28.94
N LYS A 76 -32.04 15.60 -28.32
CA LYS A 76 -33.00 14.76 -29.04
C LYS A 76 -34.43 15.06 -28.61
N ASP B 12 18.82 -35.66 26.56
CA ASP B 12 18.02 -34.82 27.45
C ASP B 12 17.42 -33.64 26.70
N LYS B 13 18.02 -32.47 26.88
CA LYS B 13 17.68 -31.28 26.11
C LYS B 13 18.75 -30.94 25.09
N HIS B 14 19.82 -31.73 25.00
CA HIS B 14 20.81 -31.61 23.93
C HIS B 14 21.05 -33.00 23.33
N SER B 15 19.95 -33.63 22.90
CA SER B 15 19.98 -34.96 22.30
C SER B 15 20.47 -34.90 20.85
N ASP B 16 19.99 -35.82 20.02
CA ASP B 16 20.06 -35.66 18.58
C ASP B 16 18.73 -35.24 18.00
N GLU B 17 17.63 -35.57 18.68
CA GLU B 17 16.34 -34.95 18.37
C GLU B 17 16.43 -33.44 18.47
N TYR B 18 17.22 -32.93 19.43
CA TYR B 18 17.40 -31.50 19.55
C TYR B 18 18.12 -30.91 18.34
N LYS B 19 19.18 -31.58 17.89
CA LYS B 19 19.95 -31.10 16.74
C LYS B 19 19.09 -31.10 15.48
N ILE B 20 18.38 -32.19 15.24
CA ILE B 20 17.54 -32.28 14.04
C ILE B 20 16.43 -31.25 14.09
N ARG B 21 15.76 -31.12 15.24
CA ARG B 21 14.67 -30.16 15.36
C ARG B 21 15.17 -28.74 15.15
N ARG B 22 16.34 -28.42 15.71
CA ARG B 22 16.86 -27.07 15.59
C ARG B 22 17.39 -26.79 14.19
N GLU B 23 17.89 -27.82 13.51
CA GLU B 23 18.32 -27.63 12.13
C GLU B 23 17.13 -27.52 11.20
N ARG B 24 16.04 -28.24 11.49
CA ARG B 24 14.83 -28.10 10.70
C ARG B 24 14.22 -26.72 10.90
N ASN B 25 14.29 -26.18 12.12
CA ASN B 25 13.70 -24.88 12.38
C ASN B 25 14.50 -23.76 11.74
N ASN B 26 15.82 -23.90 11.73
CA ASN B 26 16.66 -22.93 11.04
C ASN B 26 16.30 -22.82 9.57
N ILE B 27 16.07 -23.95 8.90
CA ILE B 27 15.65 -23.93 7.51
C ILE B 27 14.29 -23.26 7.37
N ALA B 28 13.39 -23.52 8.32
CA ALA B 28 12.04 -22.95 8.24
C ALA B 28 12.05 -21.45 8.48
N VAL B 29 12.93 -20.97 9.37
CA VAL B 29 12.98 -19.54 9.64
C VAL B 29 13.50 -18.79 8.43
N ARG B 30 14.53 -19.34 7.76
CA ARG B 30 15.05 -18.68 6.57
C ARG B 30 14.01 -18.66 5.45
N LYS B 31 13.24 -19.75 5.31
CA LYS B 31 12.21 -19.81 4.28
C LYS B 31 11.08 -18.84 4.59
N SER B 32 10.65 -18.79 5.84
CA SER B 32 9.57 -17.88 6.21
C SER B 32 10.01 -16.42 6.12
N ARG B 33 11.26 -16.13 6.51
CA ARG B 33 11.74 -14.75 6.42
CA ARG B 33 11.77 -14.76 6.42
C ARG B 33 11.94 -14.33 4.97
N ASP B 34 12.26 -15.26 4.08
CA ASP B 34 12.38 -14.90 2.66
C ASP B 34 11.01 -14.62 2.05
N LYS B 35 9.99 -15.39 2.47
CA LYS B 35 8.64 -15.13 2.00
C LYS B 35 8.15 -13.76 2.44
N ALA B 36 8.46 -13.36 3.66
CA ALA B 36 7.98 -12.07 4.17
C ALA B 36 8.62 -10.92 3.40
N LYS B 37 9.94 -10.94 3.22
CA LYS B 37 10.60 -9.88 2.46
C LYS B 37 10.05 -9.79 1.05
N MET B 38 9.72 -10.94 0.45
CA MET B 38 9.10 -10.92 -0.87
C MET B 38 7.70 -10.34 -0.81
N ARG B 39 6.89 -10.82 0.15
CA ARG B 39 5.54 -10.30 0.32
C ARG B 39 5.57 -8.79 0.59
N ASN B 40 6.59 -8.30 1.28
CA ASN B 40 6.73 -6.87 1.47
C ASN B 40 7.08 -6.16 0.18
N LEU B 41 7.91 -6.80 -0.65
CA LEU B 41 8.35 -6.16 -1.89
C LEU B 41 7.21 -6.11 -2.90
N GLU B 42 6.35 -7.12 -2.93
CA GLU B 42 5.17 -7.07 -3.78
C GLU B 42 4.21 -5.98 -3.35
N THR B 43 4.09 -5.75 -2.04
CA THR B 43 3.23 -4.68 -1.56
C THR B 43 3.78 -3.32 -1.98
N GLN B 44 5.10 -3.15 -1.95
CA GLN B 44 5.69 -1.89 -2.40
C GLN B 44 5.44 -1.66 -3.89
N HIS B 45 5.48 -2.73 -4.68
CA HIS B 45 5.20 -2.60 -6.11
C HIS B 45 3.71 -2.34 -6.36
N LYS B 46 2.83 -2.91 -5.54
CA LYS B 46 1.42 -2.62 -5.64
C LYS B 46 1.15 -1.12 -5.44
N VAL B 47 1.89 -0.50 -4.53
CA VAL B 47 1.70 0.93 -4.26
C VAL B 47 1.99 1.76 -5.50
N LEU B 48 3.04 1.39 -6.25
CA LEU B 48 3.42 2.18 -7.41
C LEU B 48 2.36 2.08 -8.51
N GLU B 49 1.89 0.88 -8.82
CA GLU B 49 0.89 0.73 -9.86
C GLU B 49 -0.47 1.28 -9.44
N LEU B 50 -0.75 1.34 -8.14
CA LEU B 50 -1.96 2.00 -7.67
C LEU B 50 -1.82 3.51 -7.71
N THR B 51 -0.60 4.02 -7.48
CA THR B 51 -0.37 5.44 -7.62
C THR B 51 -0.50 5.89 -9.06
N ALA B 52 0.04 5.10 -10.00
CA ALA B 52 -0.12 5.41 -11.41
C ALA B 52 -1.59 5.38 -11.82
N GLU B 53 -2.33 4.36 -11.37
CA GLU B 53 -3.76 4.29 -11.66
C GLU B 53 -4.52 5.43 -11.02
N ASN B 54 -4.10 5.86 -9.82
CA ASN B 54 -4.73 7.00 -9.17
C ASN B 54 -4.51 8.28 -9.97
N GLU B 55 -3.32 8.45 -10.56
CA GLU B 55 -3.07 9.63 -11.38
C GLU B 55 -3.89 9.58 -12.66
N ARG B 56 -4.02 8.39 -13.26
CA ARG B 56 -4.84 8.25 -14.47
C ARG B 56 -6.31 8.53 -14.19
N LEU B 57 -6.79 8.16 -13.01
CA LEU B 57 -8.20 8.41 -12.69
C LEU B 57 -8.44 9.86 -12.35
N GLN B 58 -7.50 10.50 -11.64
CA GLN B 58 -7.68 11.91 -11.31
C GLN B 58 -7.70 12.77 -12.57
N LYS B 59 -6.83 12.48 -13.54
CA LYS B 59 -6.86 13.24 -14.78
C LYS B 59 -8.12 12.96 -15.60
N LYS B 60 -8.66 11.75 -15.51
CA LYS B 60 -9.91 11.44 -16.20
C LYS B 60 -11.08 12.19 -15.57
N VAL B 61 -11.11 12.27 -14.23
CA VAL B 61 -12.17 12.99 -13.56
C VAL B 61 -12.15 14.46 -13.94
N GLU B 62 -10.97 15.09 -13.92
CA GLU B 62 -10.89 16.50 -14.25
C GLU B 62 -11.27 16.74 -15.71
N GLN B 63 -10.84 15.85 -16.60
N GLN B 63 -10.86 15.84 -16.61
CA GLN B 63 -11.21 15.96 -18.01
CA GLN B 63 -11.21 15.99 -18.02
C GLN B 63 -12.72 15.95 -18.18
C GLN B 63 -12.72 15.92 -18.22
N LEU B 64 -13.38 14.98 -17.55
CA LEU B 64 -14.84 14.90 -17.65
C LEU B 64 -15.53 16.03 -16.90
N SER B 65 -14.96 16.48 -15.79
CA SER B 65 -15.53 17.63 -15.08
C SER B 65 -15.51 18.88 -15.95
N ARG B 66 -14.41 19.13 -16.66
N ARG B 66 -14.41 19.13 -16.66
CA ARG B 66 -14.35 20.28 -17.54
CA ARG B 66 -14.34 20.28 -17.55
C ARG B 66 -15.30 20.13 -18.72
C ARG B 66 -15.29 20.12 -18.73
N GLU B 67 -15.38 18.92 -19.28
CA GLU B 67 -16.28 18.68 -20.39
C GLU B 67 -17.74 18.83 -19.97
N LEU B 68 -18.09 18.36 -18.77
CA LEU B 68 -19.46 18.50 -18.30
C LEU B 68 -19.77 19.95 -17.96
N SER B 69 -18.81 20.68 -17.38
CA SER B 69 -19.00 22.08 -17.07
C SER B 69 -19.29 22.89 -18.33
N THR B 70 -18.43 22.75 -19.34
CA THR B 70 -18.64 23.49 -20.59
C THR B 70 -19.98 23.15 -21.22
N LEU B 71 -20.36 21.88 -21.19
CA LEU B 71 -21.65 21.50 -21.79
C LEU B 71 -22.82 22.09 -21.01
N ARG B 72 -22.70 22.21 -19.69
CA ARG B 72 -23.76 22.88 -18.95
C ARG B 72 -23.86 24.35 -19.35
N ASN B 73 -22.74 25.07 -19.29
CA ASN B 73 -22.74 26.48 -19.64
C ASN B 73 -23.36 26.76 -21.01
N LEU B 74 -23.28 25.80 -21.94
CA LEU B 74 -23.92 25.98 -23.24
C LEU B 74 -25.45 25.94 -23.12
N PHE B 75 -25.98 24.98 -22.35
CA PHE B 75 -27.43 24.85 -22.22
C PHE B 75 -28.02 26.02 -21.42
N LYS B 76 -27.34 26.44 -20.36
CA LYS B 76 -27.87 27.53 -19.53
C LYS B 76 -27.74 28.89 -20.20
N GLN B 77 -26.95 29.01 -21.26
CA GLN B 77 -26.85 30.23 -22.06
C GLN B 77 -27.74 30.18 -23.29
N LEU B 78 -28.86 29.47 -23.21
CA LEU B 78 -29.81 29.45 -24.31
C LEU B 78 -30.64 30.73 -24.30
N PRO B 79 -30.65 31.51 -25.39
CA PRO B 79 -31.44 32.74 -25.49
C PRO B 79 -32.95 32.48 -25.36
#